data_2ADD
#
_entry.id   2ADD
#
_cell.length_a   139.320
_cell.length_b   139.320
_cell.length_c   182.750
_cell.angle_alpha   90.00
_cell.angle_beta   90.00
_cell.angle_gamma   90.00
#
_symmetry.space_group_name_H-M   'P 41 21 2'
#
loop_
_entity.id
_entity.type
_entity.pdbx_description
1 polymer 'fructan 1-exohydrolase IIa'
2 branched alpha-D-mannopyranose-(1-4)-2-acetamido-2-deoxy-beta-D-glucopyranose-(1-4)-2-acetamido-2-deoxy-beta-D-glucopyranose
3 branched 2-acetamido-2-deoxy-beta-D-glucopyranose-(1-4)-2-acetamido-2-deoxy-beta-D-glucopyranose
4 branched beta-D-fructofuranose-(2-1)-alpha-D-glucopyranose
5 water water
#
_entity_poly.entity_id   1
_entity_poly.type   'polypeptide(L)'
_entity_poly.pdbx_seq_one_letter_code
;QQIEQPYRTGYHFQPPSNWMNDPNGPMLYQGVYHFFYQYNPYAATFGDVIIWGHAVSYDLVNWIHLDPAIYPTQEADSKS
CWSGSATILPGNIPAMLYTGSDSKSRQVQDLAWPKNLSDPFLREWVKHPKNPLITPPEGVKDDCFRDPSTAWLGPDGVWR
IVVGGDRDNNGMAFLYQSTDFVNWKRYDQPLSSADATGTWECPDFYPVPLNSTNGLDTSVYGGSVRHVMKAGFEGHDWYT
IGTYSPDRENFLPQNGLSLTGSTLDLRYDYGQFYASKSFFDDAKNRRVLWAWVPETDSQADDIEKGWAGLQSFPRALWID
RNGKQLIQWPVEEIEELRQNQVNLQNKNLKPGSVLEIHGIAASQADVTISFKLEGLKEAEVLDTTLVDPQALCNERGASS
RGALGPFGLLAMASKDLKEQSAIFFRVFQNQLGRYSVLMCSDLSRSTVRSNIDTTSYGAFVDIDPRSEEISLRNLIDHSI
IESFGAGGKTCITSRIYPKFVNNEEAHLFVFNNGTQNVKISEMSAWSMKNAKFVVDQSVKSAA
;
_entity_poly.pdbx_strand_id   A
#
loop_
_chem_comp.id
_chem_comp.type
_chem_comp.name
_chem_comp.formula
FRU D-saccharide, beta linking beta-D-fructofuranose 'C6 H12 O6'
GLC D-saccharide, alpha linking alpha-D-glucopyranose 'C6 H12 O6'
MAN D-saccharide, alpha linking alpha-D-mannopyranose 'C6 H12 O6'
NAG D-saccharide, beta linking 2-acetamido-2-deoxy-beta-D-glucopyranose 'C8 H15 N O6'
#
# COMPACT_ATOMS: atom_id res chain seq x y z
N GLN A 2 -14.72 -29.10 5.18
CA GLN A 2 -13.31 -28.66 5.06
C GLN A 2 -13.07 -27.91 3.74
N ILE A 3 -12.50 -26.71 3.83
CA ILE A 3 -12.23 -25.90 2.66
C ILE A 3 -10.72 -25.72 2.47
N GLU A 4 -10.24 -26.00 1.27
CA GLU A 4 -8.83 -25.91 0.96
C GLU A 4 -8.30 -24.47 0.86
N GLN A 5 -7.19 -24.19 1.55
CA GLN A 5 -6.56 -22.87 1.53
C GLN A 5 -7.55 -21.71 1.64
N PRO A 6 -8.33 -21.66 2.73
CA PRO A 6 -9.33 -20.61 2.95
C PRO A 6 -8.77 -19.19 3.07
N TYR A 7 -7.46 -19.07 3.29
CA TYR A 7 -6.85 -17.74 3.44
C TYR A 7 -6.23 -17.16 2.18
N ARG A 8 -6.13 -17.96 1.12
CA ARG A 8 -5.58 -17.44 -0.13
C ARG A 8 -6.63 -16.50 -0.71
N THR A 9 -6.19 -15.43 -1.36
CA THR A 9 -7.12 -14.48 -1.94
C THR A 9 -7.55 -14.90 -3.34
N GLY A 10 -8.67 -14.34 -3.79
CA GLY A 10 -9.18 -14.67 -5.11
C GLY A 10 -8.82 -13.65 -6.17
N TYR A 11 -8.52 -12.41 -5.76
CA TYR A 11 -8.17 -11.39 -6.74
C TYR A 11 -7.02 -10.45 -6.36
N HIS A 12 -6.20 -10.89 -5.40
CA HIS A 12 -5.05 -10.10 -4.99
C HIS A 12 -3.81 -10.80 -5.53
N PHE A 13 -2.77 -10.05 -5.85
CA PHE A 13 -1.59 -10.70 -6.37
C PHE A 13 -0.80 -11.40 -5.28
N GLN A 14 -0.37 -12.62 -5.59
CA GLN A 14 0.44 -13.43 -4.69
C GLN A 14 0.98 -14.58 -5.53
N PRO A 15 2.19 -15.07 -5.21
CA PRO A 15 2.77 -16.17 -5.96
C PRO A 15 2.05 -17.48 -5.70
N PRO A 16 2.26 -18.50 -6.54
CA PRO A 16 1.60 -19.79 -6.35
C PRO A 16 1.81 -20.27 -4.90
N SER A 17 2.99 -20.00 -4.37
CA SER A 17 3.30 -20.38 -3.00
C SER A 17 4.58 -19.68 -2.51
N ASN A 18 4.95 -19.99 -1.26
CA ASN A 18 6.13 -19.45 -0.61
C ASN A 18 6.05 -17.99 -0.16
N TRP A 19 7.19 -17.46 0.25
CA TRP A 19 7.28 -16.11 0.75
C TRP A 19 7.50 -15.02 -0.28
N MET A 20 6.79 -13.92 -0.07
CA MET A 20 6.88 -12.74 -0.93
C MET A 20 6.77 -11.49 -0.08
N ASN A 21 7.65 -10.53 -0.28
CA ASN A 21 7.52 -9.27 0.43
C ASN A 21 7.48 -8.08 -0.53
N ASP A 22 8.46 -7.20 -0.49
CA ASP A 22 8.48 -5.97 -1.31
C ASP A 22 8.22 -6.01 -2.82
N PRO A 23 7.33 -5.12 -3.30
CA PRO A 23 7.03 -5.04 -4.74
C PRO A 23 8.27 -4.42 -5.39
N ASN A 24 8.68 -4.93 -6.54
CA ASN A 24 9.86 -4.41 -7.22
C ASN A 24 9.63 -4.04 -8.68
N GLY A 25 10.40 -3.06 -9.14
CA GLY A 25 10.34 -2.61 -10.52
C GLY A 25 9.03 -2.57 -11.29
N PRO A 26 7.92 -2.18 -10.65
CA PRO A 26 6.68 -2.15 -11.44
C PRO A 26 6.81 -1.15 -12.59
N MET A 27 6.14 -1.43 -13.70
CA MET A 27 6.19 -0.55 -14.87
C MET A 27 5.26 -1.03 -15.96
N LEU A 28 5.04 -0.16 -16.95
CA LEU A 28 4.23 -0.48 -18.12
C LEU A 28 5.19 -0.37 -19.29
N TYR A 29 5.36 -1.46 -20.04
CA TYR A 29 6.26 -1.44 -21.18
C TYR A 29 5.63 -2.13 -22.38
N GLN A 30 5.55 -1.43 -23.49
CA GLN A 30 4.98 -1.97 -24.72
C GLN A 30 3.64 -2.67 -24.49
N GLY A 31 2.73 -1.97 -23.82
CA GLY A 31 1.40 -2.52 -23.57
C GLY A 31 1.30 -3.57 -22.48
N VAL A 32 2.41 -3.95 -21.88
CA VAL A 32 2.37 -4.97 -20.84
C VAL A 32 2.77 -4.42 -19.46
N TYR A 33 1.97 -4.73 -18.45
CA TYR A 33 2.27 -4.30 -17.10
C TYR A 33 3.18 -5.36 -16.48
N HIS A 34 4.33 -4.94 -15.97
CA HIS A 34 5.27 -5.86 -15.36
C HIS A 34 5.27 -5.68 -13.85
N PHE A 35 5.33 -6.80 -13.13
CA PHE A 35 5.39 -6.75 -11.68
C PHE A 35 6.47 -7.71 -11.20
N PHE A 36 7.30 -7.23 -10.29
CA PHE A 36 8.39 -8.01 -9.73
C PHE A 36 8.21 -7.96 -8.22
N TYR A 37 8.86 -8.85 -7.48
CA TYR A 37 8.70 -8.85 -6.04
C TYR A 37 9.75 -9.71 -5.35
N GLN A 38 10.11 -9.31 -4.13
CA GLN A 38 11.06 -10.05 -3.33
C GLN A 38 10.44 -11.42 -3.10
N TYR A 39 11.17 -12.47 -3.46
CA TYR A 39 10.67 -13.82 -3.34
C TYR A 39 11.69 -14.83 -2.80
N ASN A 40 11.22 -15.73 -1.95
CA ASN A 40 12.08 -16.77 -1.42
C ASN A 40 11.61 -18.04 -2.10
N PRO A 41 12.40 -18.57 -3.03
CA PRO A 41 11.98 -19.79 -3.72
C PRO A 41 12.13 -21.07 -2.89
N TYR A 42 12.60 -20.95 -1.65
CA TYR A 42 12.81 -22.13 -0.82
C TYR A 42 11.95 -22.28 0.43
N ALA A 43 11.19 -21.25 0.80
CA ALA A 43 10.37 -21.35 2.00
C ALA A 43 9.29 -20.27 2.08
N ALA A 44 8.43 -20.40 3.08
CA ALA A 44 7.34 -19.46 3.32
C ALA A 44 7.74 -18.46 4.41
N THR A 45 9.04 -18.17 4.48
CA THR A 45 9.57 -17.22 5.45
C THR A 45 10.69 -16.48 4.73
N PHE A 46 11.26 -15.47 5.37
CA PHE A 46 12.37 -14.75 4.76
C PHE A 46 13.55 -15.72 4.73
N GLY A 47 14.55 -15.46 3.88
CA GLY A 47 15.69 -16.36 3.82
C GLY A 47 16.98 -15.76 3.28
N ASP A 48 18.03 -16.56 3.32
CA ASP A 48 19.36 -16.16 2.86
C ASP A 48 19.37 -15.86 1.37
N VAL A 49 18.48 -16.50 0.62
CA VAL A 49 18.41 -16.26 -0.81
C VAL A 49 17.05 -15.68 -1.23
N ILE A 50 17.06 -14.39 -1.54
CA ILE A 50 15.86 -13.69 -1.99
C ILE A 50 16.08 -13.24 -3.43
N ILE A 51 15.11 -13.51 -4.29
CA ILE A 51 15.22 -13.14 -5.69
C ILE A 51 13.98 -12.39 -6.16
N TRP A 52 14.04 -11.85 -7.38
CA TRP A 52 12.93 -11.12 -7.96
C TRP A 52 11.96 -12.02 -8.70
N GLY A 53 10.75 -12.17 -8.15
CA GLY A 53 9.73 -12.95 -8.82
C GLY A 53 9.28 -12.07 -9.97
N HIS A 54 8.61 -12.64 -10.98
CA HIS A 54 8.18 -11.87 -12.13
C HIS A 54 6.84 -12.34 -12.66
N ALA A 55 5.95 -11.39 -12.96
CA ALA A 55 4.62 -11.67 -13.50
C ALA A 55 4.25 -10.54 -14.44
N VAL A 56 3.38 -10.84 -15.41
CA VAL A 56 2.95 -9.82 -16.36
C VAL A 56 1.43 -9.80 -16.47
N SER A 57 0.90 -8.67 -16.93
CA SER A 57 -0.53 -8.50 -17.07
C SER A 57 -0.88 -7.40 -18.08
N TYR A 58 -2.07 -7.50 -18.66
CA TYR A 58 -2.54 -6.51 -19.61
C TYR A 58 -3.55 -5.58 -18.94
N ASP A 59 -3.99 -5.93 -17.73
CA ASP A 59 -4.98 -5.13 -17.01
C ASP A 59 -4.74 -4.91 -15.51
N LEU A 60 -3.63 -5.42 -14.98
CA LEU A 60 -3.28 -5.29 -13.56
C LEU A 60 -4.16 -6.14 -12.65
N VAL A 61 -5.06 -6.93 -13.24
CA VAL A 61 -5.94 -7.80 -12.46
C VAL A 61 -5.60 -9.28 -12.68
N ASN A 62 -5.55 -9.68 -13.95
CA ASN A 62 -5.24 -11.06 -14.31
C ASN A 62 -3.76 -11.16 -14.62
N TRP A 63 -3.10 -12.15 -14.04
CA TRP A 63 -1.66 -12.29 -14.23
C TRP A 63 -1.15 -13.62 -14.76
N ILE A 64 0.08 -13.56 -15.26
CA ILE A 64 0.78 -14.72 -15.77
C ILE A 64 2.11 -14.76 -15.01
N HIS A 65 2.31 -15.82 -14.24
CA HIS A 65 3.55 -15.99 -13.47
C HIS A 65 4.65 -16.50 -14.39
N LEU A 66 5.79 -15.83 -14.36
CA LEU A 66 6.94 -16.21 -15.18
C LEU A 66 8.07 -16.69 -14.25
N ASP A 67 9.23 -16.99 -14.83
CA ASP A 67 10.37 -17.43 -14.02
C ASP A 67 11.01 -16.19 -13.41
N PRO A 68 11.71 -16.34 -12.29
CA PRO A 68 12.35 -15.19 -11.66
C PRO A 68 13.18 -14.44 -12.69
N ALA A 69 13.15 -13.11 -12.61
CA ALA A 69 13.87 -12.27 -13.57
C ALA A 69 15.27 -11.87 -13.12
N ILE A 70 15.41 -11.53 -11.84
CA ILE A 70 16.69 -11.11 -11.31
C ILE A 70 17.08 -11.98 -10.13
N TYR A 71 18.24 -12.64 -10.26
CA TYR A 71 18.75 -13.52 -9.22
C TYR A 71 20.27 -13.48 -9.24
N PRO A 72 20.92 -13.87 -8.13
CA PRO A 72 22.38 -13.87 -8.00
C PRO A 72 23.13 -14.50 -9.17
N THR A 73 24.00 -13.73 -9.81
CA THR A 73 24.82 -14.21 -10.91
C THR A 73 26.20 -13.56 -10.92
N GLN A 74 26.36 -12.49 -10.13
CA GLN A 74 27.63 -11.78 -10.04
C GLN A 74 28.08 -11.67 -8.60
N GLU A 75 29.28 -11.16 -8.40
CA GLU A 75 29.82 -10.96 -7.07
C GLU A 75 28.99 -9.85 -6.45
N ALA A 76 28.56 -8.90 -7.28
CA ALA A 76 27.77 -7.75 -6.84
C ALA A 76 26.37 -8.08 -6.30
N ASP A 77 25.91 -9.31 -6.48
CA ASP A 77 24.61 -9.70 -5.94
C ASP A 77 24.57 -11.18 -5.61
N SER A 78 25.75 -11.75 -5.37
CA SER A 78 25.91 -13.16 -5.07
C SER A 78 25.10 -13.72 -3.89
N LYS A 79 24.83 -12.90 -2.89
CA LYS A 79 24.09 -13.36 -1.73
C LYS A 79 22.58 -13.15 -1.76
N SER A 80 22.11 -12.25 -2.62
CA SER A 80 20.69 -11.97 -2.74
C SER A 80 20.45 -10.76 -3.64
N CYS A 81 19.23 -10.66 -4.17
CA CYS A 81 18.85 -9.54 -5.01
C CYS A 81 17.67 -8.86 -4.32
N TRP A 82 17.96 -7.80 -3.58
CA TRP A 82 16.92 -7.09 -2.87
C TRP A 82 16.23 -6.01 -3.70
N SER A 83 15.33 -5.25 -3.06
CA SER A 83 14.53 -4.22 -3.73
C SER A 83 15.17 -3.23 -4.70
N GLY A 84 14.38 -2.85 -5.70
CA GLY A 84 14.83 -1.93 -6.71
C GLY A 84 13.67 -1.35 -7.51
N SER A 85 13.99 -0.49 -8.48
CA SER A 85 12.96 0.15 -9.28
C SER A 85 13.28 0.16 -10.77
N ALA A 86 12.25 0.41 -11.58
CA ALA A 86 12.39 0.44 -13.02
C ALA A 86 12.30 1.84 -13.59
N THR A 87 13.16 2.14 -14.55
CA THR A 87 13.16 3.43 -15.23
C THR A 87 13.30 3.14 -16.72
N ILE A 88 12.34 3.58 -17.52
CA ILE A 88 12.40 3.35 -18.95
C ILE A 88 13.13 4.55 -19.58
N LEU A 89 14.35 4.32 -20.02
CA LEU A 89 15.18 5.37 -20.60
C LEU A 89 14.80 5.66 -22.04
N PRO A 90 15.13 6.87 -22.53
CA PRO A 90 14.82 7.22 -23.92
C PRO A 90 15.43 6.12 -24.78
N GLY A 91 14.77 5.77 -25.88
CA GLY A 91 15.28 4.71 -26.72
C GLY A 91 14.47 3.47 -26.37
N ASN A 92 13.64 3.62 -25.35
CA ASN A 92 12.76 2.55 -24.89
C ASN A 92 13.46 1.34 -24.27
N ILE A 93 14.35 1.57 -23.31
CA ILE A 93 15.04 0.48 -22.62
C ILE A 93 14.70 0.50 -21.15
N PRO A 94 14.11 -0.60 -20.64
CA PRO A 94 13.78 -0.61 -19.21
C PRO A 94 15.08 -0.84 -18.46
N ALA A 95 15.44 0.08 -17.56
CA ALA A 95 16.65 -0.06 -16.77
C ALA A 95 16.25 -0.35 -15.34
N MET A 96 16.80 -1.42 -14.77
CA MET A 96 16.47 -1.81 -13.42
C MET A 96 17.63 -1.59 -12.46
N LEU A 97 17.38 -0.81 -11.40
CA LEU A 97 18.39 -0.54 -10.38
C LEU A 97 17.90 -1.24 -9.13
N TYR A 98 18.72 -2.12 -8.56
CA TYR A 98 18.33 -2.85 -7.37
C TYR A 98 19.49 -2.99 -6.41
N THR A 99 19.17 -3.33 -5.17
CA THR A 99 20.21 -3.51 -4.16
C THR A 99 20.62 -4.96 -4.12
N GLY A 100 21.91 -5.21 -4.27
CA GLY A 100 22.38 -6.58 -4.20
C GLY A 100 23.20 -6.75 -2.94
N SER A 101 23.28 -7.98 -2.45
CA SER A 101 24.06 -8.28 -1.27
C SER A 101 25.29 -8.98 -1.86
N ASP A 102 26.44 -8.30 -1.90
CA ASP A 102 27.63 -8.89 -2.49
C ASP A 102 28.30 -9.98 -1.64
N SER A 103 29.40 -10.53 -2.16
CA SER A 103 30.13 -11.59 -1.48
C SER A 103 30.62 -11.21 -0.09
N LYS A 104 30.76 -9.91 0.17
CA LYS A 104 31.19 -9.43 1.49
C LYS A 104 30.00 -8.95 2.31
N SER A 105 28.81 -9.35 1.87
CA SER A 105 27.58 -8.97 2.55
C SER A 105 27.31 -7.47 2.59
N ARG A 106 27.80 -6.73 1.59
CA ARG A 106 27.54 -5.30 1.54
C ARG A 106 26.32 -5.03 0.69
N GLN A 107 25.56 -4.00 1.03
CA GLN A 107 24.40 -3.64 0.24
C GLN A 107 24.92 -2.65 -0.78
N VAL A 108 24.85 -3.04 -2.04
CA VAL A 108 25.35 -2.22 -3.14
C VAL A 108 24.29 -2.12 -4.25
N GLN A 109 24.32 -1.04 -5.01
CA GLN A 109 23.33 -0.83 -6.06
C GLN A 109 23.82 -1.33 -7.42
N ASP A 110 23.04 -2.23 -8.00
CA ASP A 110 23.36 -2.85 -9.29
C ASP A 110 22.38 -2.48 -10.39
N LEU A 111 22.82 -2.65 -11.63
CA LEU A 111 22.01 -2.33 -12.80
C LEU A 111 21.81 -3.54 -13.72
N ALA A 112 20.61 -3.65 -14.29
CA ALA A 112 20.28 -4.74 -15.19
C ALA A 112 19.22 -4.25 -16.18
N TRP A 113 19.13 -4.90 -17.33
CA TRP A 113 18.13 -4.52 -18.32
C TRP A 113 17.76 -5.73 -19.15
N PRO A 114 16.60 -5.69 -19.84
CA PRO A 114 16.18 -6.83 -20.66
C PRO A 114 17.21 -7.20 -21.72
N LYS A 115 17.40 -8.50 -21.92
CA LYS A 115 18.36 -8.97 -22.91
C LYS A 115 17.69 -9.27 -24.25
N ASN A 116 16.37 -9.24 -24.28
CA ASN A 116 15.61 -9.53 -25.49
C ASN A 116 14.35 -8.67 -25.56
N LEU A 117 14.51 -7.43 -26.00
CA LEU A 117 13.39 -6.51 -26.09
C LEU A 117 12.28 -6.94 -27.04
N SER A 118 12.51 -7.98 -27.82
CA SER A 118 11.46 -8.43 -28.73
C SER A 118 10.50 -9.36 -27.98
N ASP A 119 10.90 -9.75 -26.78
CA ASP A 119 10.06 -10.61 -25.94
C ASP A 119 9.10 -9.70 -25.17
N PRO A 120 7.80 -9.74 -25.50
CA PRO A 120 6.81 -8.90 -24.81
C PRO A 120 6.76 -9.10 -23.30
N PHE A 121 7.23 -10.26 -22.83
CA PHE A 121 7.22 -10.54 -21.41
C PHE A 121 8.54 -10.27 -20.70
N LEU A 122 9.56 -9.86 -21.44
CA LEU A 122 10.87 -9.56 -20.85
C LEU A 122 11.30 -10.59 -19.80
N ARG A 123 11.38 -11.85 -20.20
CA ARG A 123 11.77 -12.90 -19.27
C ARG A 123 13.25 -12.89 -18.89
N GLU A 124 14.12 -12.66 -19.87
CA GLU A 124 15.56 -12.68 -19.64
C GLU A 124 16.19 -11.30 -19.40
N TRP A 125 17.08 -11.22 -18.41
CA TRP A 125 17.74 -9.97 -18.08
C TRP A 125 19.26 -10.13 -18.02
N VAL A 126 19.97 -9.06 -18.38
CA VAL A 126 21.43 -9.07 -18.38
C VAL A 126 21.92 -8.06 -17.34
N LYS A 127 23.00 -8.40 -16.64
CA LYS A 127 23.58 -7.54 -15.61
C LYS A 127 24.70 -6.69 -16.20
N HIS A 128 24.88 -5.49 -15.67
CA HIS A 128 25.95 -4.63 -16.17
C HIS A 128 27.28 -5.15 -15.62
N PRO A 129 28.29 -5.27 -16.51
CA PRO A 129 29.63 -5.76 -16.14
C PRO A 129 30.29 -5.00 -15.00
N LYS A 130 29.95 -3.72 -14.86
CA LYS A 130 30.54 -2.89 -13.81
C LYS A 130 29.83 -2.90 -12.45
N ASN A 131 28.84 -3.75 -12.27
CA ASN A 131 28.16 -3.80 -10.98
C ASN A 131 29.21 -4.17 -9.92
N PRO A 132 29.13 -3.56 -8.73
CA PRO A 132 28.15 -2.55 -8.32
C PRO A 132 28.42 -1.15 -8.86
N LEU A 133 27.35 -0.45 -9.21
CA LEU A 133 27.46 0.91 -9.73
C LEU A 133 27.61 1.93 -8.61
N ILE A 134 27.07 1.61 -7.44
CA ILE A 134 27.13 2.51 -6.30
C ILE A 134 27.33 1.69 -5.02
N THR A 135 28.25 2.14 -4.16
CA THR A 135 28.50 1.45 -2.90
C THR A 135 28.27 2.42 -1.74
N PRO A 136 28.09 1.88 -0.52
CA PRO A 136 27.85 2.72 0.66
C PRO A 136 28.79 3.92 0.76
N PRO A 137 28.22 5.13 0.93
CA PRO A 137 29.04 6.34 1.05
C PRO A 137 29.85 6.39 2.34
N GLU A 138 30.79 7.31 2.39
CA GLU A 138 31.69 7.51 3.53
C GLU A 138 31.31 6.88 4.87
N GLY A 139 30.48 7.57 5.64
CA GLY A 139 30.13 7.04 6.95
C GLY A 139 28.82 6.30 7.08
N VAL A 140 28.51 5.43 6.12
CA VAL A 140 27.28 4.65 6.13
C VAL A 140 27.61 3.15 6.23
N LYS A 141 26.93 2.45 7.13
CA LYS A 141 27.18 1.02 7.30
C LYS A 141 26.82 0.20 6.08
N ASP A 142 27.51 -0.91 5.88
CA ASP A 142 27.27 -1.79 4.75
C ASP A 142 25.87 -2.36 4.65
N ASP A 143 25.12 -2.34 5.75
CA ASP A 143 23.76 -2.87 5.71
C ASP A 143 22.71 -1.79 5.96
N CYS A 144 23.04 -0.55 5.62
CA CYS A 144 22.13 0.57 5.78
C CYS A 144 22.13 1.45 4.54
N PHE A 145 22.15 0.82 3.37
CA PHE A 145 22.20 1.56 2.11
C PHE A 145 21.50 0.74 1.03
N ARG A 146 20.20 0.98 0.83
CA ARG A 146 19.46 0.20 -0.14
C ARG A 146 18.20 0.82 -0.74
N ASP A 147 17.59 0.04 -1.64
CA ASP A 147 16.34 0.37 -2.33
C ASP A 147 16.33 1.60 -3.23
N PRO A 148 17.07 1.56 -4.35
CA PRO A 148 17.09 2.70 -5.26
C PRO A 148 15.71 2.92 -5.87
N SER A 149 15.35 4.18 -6.10
CA SER A 149 14.05 4.52 -6.65
C SER A 149 14.09 4.60 -8.17
N THR A 150 12.94 4.92 -8.76
CA THR A 150 12.86 5.11 -10.19
C THR A 150 13.57 6.45 -10.39
N ALA A 151 14.25 6.62 -11.52
CA ALA A 151 14.98 7.85 -11.77
C ALA A 151 14.16 8.91 -12.49
N TRP A 152 14.58 10.16 -12.37
CA TRP A 152 13.90 11.24 -13.08
C TRP A 152 14.97 12.06 -13.81
N LEU A 153 14.65 12.47 -15.04
CA LEU A 153 15.58 13.23 -15.87
C LEU A 153 15.29 14.73 -15.76
N GLY A 154 16.27 15.48 -15.27
CA GLY A 154 16.10 16.90 -15.12
C GLY A 154 16.21 17.63 -16.45
N PRO A 155 15.79 18.90 -16.51
CA PRO A 155 15.86 19.66 -17.76
C PRO A 155 17.30 19.78 -18.28
N ASP A 156 18.27 19.57 -17.39
CA ASP A 156 19.68 19.66 -17.75
C ASP A 156 20.20 18.34 -18.33
N GLY A 157 19.31 17.40 -18.55
CA GLY A 157 19.72 16.11 -19.10
C GLY A 157 20.45 15.19 -18.14
N VAL A 158 20.32 15.46 -16.84
CA VAL A 158 20.98 14.64 -15.82
C VAL A 158 19.94 13.81 -15.06
N TRP A 159 20.23 12.53 -14.85
CA TRP A 159 19.31 11.66 -14.13
C TRP A 159 19.50 11.77 -12.63
N ARG A 160 18.42 11.56 -11.88
CA ARG A 160 18.46 11.59 -10.43
C ARG A 160 17.76 10.36 -9.88
N ILE A 161 18.23 9.89 -8.72
CA ILE A 161 17.62 8.77 -8.02
C ILE A 161 17.96 8.93 -6.56
N VAL A 162 17.19 8.28 -5.70
CA VAL A 162 17.50 8.32 -4.29
C VAL A 162 17.71 6.88 -3.86
N VAL A 163 18.54 6.70 -2.84
CA VAL A 163 18.80 5.38 -2.30
C VAL A 163 18.58 5.55 -0.79
N GLY A 164 17.83 4.63 -0.21
CA GLY A 164 17.57 4.71 1.21
C GLY A 164 18.74 4.29 2.06
N GLY A 165 18.68 4.69 3.33
CA GLY A 165 19.74 4.35 4.26
C GLY A 165 19.67 5.30 5.43
N ASP A 166 20.69 5.28 6.27
CA ASP A 166 20.73 6.20 7.40
C ASP A 166 22.18 6.49 7.74
N ARG A 167 22.40 7.63 8.38
CA ARG A 167 23.72 8.01 8.81
C ARG A 167 23.57 8.26 10.31
N ASP A 168 24.04 7.30 11.11
CA ASP A 168 23.94 7.38 12.56
C ASP A 168 22.48 7.43 12.99
N ASN A 169 21.72 6.45 12.51
CA ASN A 169 20.30 6.31 12.82
C ASN A 169 19.41 7.43 12.28
N ASN A 170 19.98 8.29 11.44
CA ASN A 170 19.22 9.38 10.84
C ASN A 170 18.78 9.03 9.41
N GLY A 171 17.49 8.82 9.22
CA GLY A 171 16.96 8.48 7.91
C GLY A 171 17.52 9.34 6.80
N MET A 172 17.84 8.72 5.67
CA MET A 172 18.42 9.43 4.53
C MET A 172 17.85 9.00 3.18
N ALA A 173 17.70 9.97 2.29
CA ALA A 173 17.28 9.70 0.91
C ALA A 173 18.49 10.19 0.12
N PHE A 174 19.53 9.37 0.06
CA PHE A 174 20.75 9.73 -0.65
C PHE A 174 20.47 9.99 -2.13
N LEU A 175 20.90 11.16 -2.59
CA LEU A 175 20.68 11.57 -3.97
C LEU A 175 21.89 11.31 -4.87
N TYR A 176 21.64 10.70 -6.02
CA TYR A 176 22.71 10.43 -6.98
C TYR A 176 22.35 10.97 -8.35
N GLN A 177 23.36 11.38 -9.10
CA GLN A 177 23.17 11.93 -10.43
C GLN A 177 24.01 11.18 -11.47
N SER A 178 23.52 11.19 -12.71
CA SER A 178 24.21 10.50 -13.81
C SER A 178 23.64 10.91 -15.16
N THR A 179 24.49 10.93 -16.17
CA THR A 179 24.03 11.27 -17.52
C THR A 179 23.84 10.01 -18.35
N ASP A 180 24.65 8.98 -18.10
CA ASP A 180 24.56 7.74 -18.87
C ASP A 180 23.92 6.57 -18.13
N PHE A 181 23.44 6.83 -16.92
CA PHE A 181 22.78 5.81 -16.10
C PHE A 181 23.69 4.68 -15.64
N VAL A 182 25.00 4.81 -15.92
CA VAL A 182 25.97 3.80 -15.52
C VAL A 182 26.95 4.34 -14.49
N ASN A 183 27.43 5.56 -14.71
CA ASN A 183 28.35 6.21 -13.78
C ASN A 183 27.52 7.19 -12.94
N TRP A 184 27.40 6.88 -11.66
CA TRP A 184 26.62 7.73 -10.75
C TRP A 184 27.53 8.41 -9.73
N LYS A 185 27.16 9.63 -9.33
CA LYS A 185 27.94 10.38 -8.35
C LYS A 185 27.03 10.88 -7.25
N ARG A 186 27.41 10.65 -6.01
CA ARG A 186 26.60 11.10 -4.88
C ARG A 186 26.59 12.62 -4.81
N TYR A 187 25.40 13.19 -4.60
CA TYR A 187 25.29 14.64 -4.47
C TYR A 187 25.77 14.95 -3.05
N ASP A 188 26.25 16.18 -2.84
CA ASP A 188 26.75 16.57 -1.52
C ASP A 188 25.75 16.32 -0.39
N GLN A 189 24.54 16.83 -0.54
CA GLN A 189 23.50 16.67 0.47
C GLN A 189 22.43 15.67 0.03
N PRO A 190 21.75 15.02 0.98
CA PRO A 190 20.70 14.06 0.61
C PRO A 190 19.48 14.84 0.14
N LEU A 191 18.61 14.21 -0.62
CA LEU A 191 17.41 14.90 -1.11
C LEU A 191 16.59 15.34 0.11
N SER A 192 16.47 14.44 1.07
CA SER A 192 15.75 14.73 2.30
C SER A 192 16.22 13.78 3.39
N SER A 193 15.79 14.02 4.62
CA SER A 193 16.20 13.19 5.74
C SER A 193 15.39 13.50 6.98
N ALA A 194 15.66 12.75 8.05
CA ALA A 194 14.96 12.94 9.31
C ALA A 194 15.77 12.30 10.44
N ASP A 195 15.86 12.98 11.58
CA ASP A 195 16.62 12.46 12.71
C ASP A 195 15.98 11.27 13.40
N ALA A 196 16.84 10.39 13.89
CA ALA A 196 16.43 9.22 14.67
C ALA A 196 15.26 8.38 14.15
N THR A 197 15.19 8.14 12.84
CA THR A 197 14.10 7.35 12.30
C THR A 197 14.57 5.97 11.86
N GLY A 198 15.88 5.77 11.84
CA GLY A 198 16.41 4.50 11.38
C GLY A 198 16.48 4.56 9.85
N THR A 199 16.92 3.47 9.24
CA THR A 199 17.04 3.42 7.78
C THR A 199 15.75 3.70 7.04
N TRP A 200 15.82 4.54 6.02
CA TRP A 200 14.67 4.85 5.18
C TRP A 200 14.60 3.74 4.14
N GLU A 201 13.55 2.93 4.22
CA GLU A 201 13.40 1.83 3.29
C GLU A 201 12.48 2.12 2.10
N CYS A 202 12.87 1.63 0.92
CA CYS A 202 12.12 1.82 -0.31
C CYS A 202 11.62 3.24 -0.50
N PRO A 203 12.54 4.21 -0.55
CA PRO A 203 12.10 5.59 -0.73
C PRO A 203 11.50 5.76 -2.12
N ASP A 204 10.55 6.68 -2.23
CA ASP A 204 9.91 6.95 -3.50
C ASP A 204 9.79 8.46 -3.59
N PHE A 205 10.09 9.01 -4.77
CA PHE A 205 10.04 10.45 -4.98
C PHE A 205 9.42 10.69 -6.34
N TYR A 206 8.30 11.41 -6.37
CA TYR A 206 7.62 11.66 -7.63
C TYR A 206 6.72 12.89 -7.58
N PRO A 207 6.30 13.39 -8.75
CA PRO A 207 5.44 14.56 -8.84
C PRO A 207 3.96 14.19 -8.96
N VAL A 208 3.10 15.11 -8.54
CA VAL A 208 1.66 14.92 -8.66
C VAL A 208 1.10 16.25 -9.18
N PRO A 209 0.15 16.19 -10.12
CA PRO A 209 -0.43 17.42 -10.68
C PRO A 209 -1.48 18.04 -9.77
N LEU A 210 -1.33 19.34 -9.48
CA LEU A 210 -2.29 20.04 -8.64
C LEU A 210 -3.61 20.19 -9.38
N ASN A 211 -4.71 20.18 -8.63
CA ASN A 211 -6.05 20.31 -9.20
C ASN A 211 -6.26 19.36 -10.38
N SER A 212 -5.99 18.08 -10.14
CA SER A 212 -6.15 17.04 -11.15
C SER A 212 -6.22 15.71 -10.41
N THR A 213 -6.93 14.75 -10.99
CA THR A 213 -7.04 13.44 -10.36
C THR A 213 -6.24 12.43 -11.17
N ASN A 214 -5.30 12.93 -11.97
CA ASN A 214 -4.46 12.11 -12.83
C ASN A 214 -3.03 11.97 -12.31
N GLY A 215 -2.23 11.20 -13.04
CA GLY A 215 -0.85 11.00 -12.67
C GLY A 215 0.11 11.71 -13.61
N LEU A 216 1.39 11.73 -13.25
CA LEU A 216 2.39 12.39 -14.07
C LEU A 216 3.65 11.56 -14.21
N ASP A 217 4.30 11.67 -15.37
CA ASP A 217 5.55 10.98 -15.61
C ASP A 217 6.49 11.49 -14.52
N THR A 218 7.33 10.61 -13.99
CA THR A 218 8.23 11.00 -12.92
C THR A 218 9.12 12.22 -13.20
N SER A 219 9.33 12.54 -14.47
CA SER A 219 10.19 13.67 -14.83
C SER A 219 9.54 15.04 -15.03
N VAL A 220 8.25 15.15 -14.78
CA VAL A 220 7.60 16.44 -14.95
C VAL A 220 7.81 17.36 -13.74
N TYR A 221 7.98 18.66 -14.01
CA TYR A 221 8.19 19.65 -12.96
C TYR A 221 7.42 20.90 -13.35
N GLY A 222 7.29 21.84 -12.44
CA GLY A 222 6.56 23.05 -12.75
C GLY A 222 5.78 23.59 -11.56
N GLY A 223 5.31 24.83 -11.67
CA GLY A 223 4.58 25.44 -10.58
C GLY A 223 3.27 24.76 -10.26
N SER A 224 2.68 24.11 -11.25
CA SER A 224 1.41 23.40 -11.06
C SER A 224 1.66 21.96 -10.65
N VAL A 225 2.85 21.71 -10.12
CA VAL A 225 3.24 20.38 -9.69
C VAL A 225 3.87 20.40 -8.31
N ARG A 226 3.61 19.38 -7.52
CA ARG A 226 4.19 19.26 -6.20
C ARG A 226 4.83 17.88 -6.15
N HIS A 227 5.79 17.69 -5.24
CA HIS A 227 6.46 16.39 -5.14
C HIS A 227 6.20 15.67 -3.83
N VAL A 228 6.22 14.35 -3.90
CA VAL A 228 6.01 13.52 -2.74
C VAL A 228 7.29 12.78 -2.39
N MET A 229 7.70 12.90 -1.13
CA MET A 229 8.88 12.21 -0.63
C MET A 229 8.27 11.13 0.25
N LYS A 230 8.45 9.87 -0.14
CA LYS A 230 7.91 8.74 0.60
C LYS A 230 9.04 7.87 1.11
N ALA A 231 8.90 7.38 2.33
CA ALA A 231 9.92 6.52 2.92
C ALA A 231 9.32 5.61 3.99
N GLY A 232 9.86 4.41 4.07
CA GLY A 232 9.39 3.47 5.06
C GLY A 232 10.38 3.41 6.22
N PHE A 233 9.89 3.57 7.44
CA PHE A 233 10.72 3.50 8.63
C PHE A 233 9.84 3.32 9.86
N GLU A 234 10.42 2.73 10.90
CA GLU A 234 9.69 2.46 12.13
C GLU A 234 8.44 1.63 11.86
N GLY A 235 8.53 0.76 10.85
CA GLY A 235 7.44 -0.14 10.51
C GLY A 235 6.30 0.34 9.64
N HIS A 236 6.36 1.57 9.14
CA HIS A 236 5.28 2.07 8.30
C HIS A 236 5.77 2.94 7.17
N ASP A 237 4.89 3.16 6.19
CA ASP A 237 5.22 3.99 5.04
C ASP A 237 4.67 5.39 5.28
N TRP A 238 5.57 6.37 5.31
CA TRP A 238 5.19 7.75 5.53
C TRP A 238 5.48 8.54 4.28
N TYR A 239 4.84 9.70 4.15
CA TYR A 239 5.09 10.55 3.00
C TYR A 239 4.79 11.99 3.38
N THR A 240 5.40 12.91 2.64
CA THR A 240 5.19 14.32 2.87
C THR A 240 5.15 15.02 1.50
N ILE A 241 4.24 15.96 1.35
CA ILE A 241 4.07 16.70 0.11
C ILE A 241 4.91 17.97 0.19
N GLY A 242 5.59 18.31 -0.90
CA GLY A 242 6.42 19.50 -0.90
C GLY A 242 6.79 20.00 -2.26
N THR A 243 7.77 20.90 -2.30
CA THR A 243 8.24 21.49 -3.54
C THR A 243 9.68 21.07 -3.83
N TYR A 244 9.93 20.70 -5.07
CA TYR A 244 11.25 20.25 -5.48
C TYR A 244 11.96 21.22 -6.43
N SER A 245 13.16 21.62 -6.04
CA SER A 245 13.99 22.53 -6.83
C SER A 245 15.20 21.75 -7.33
N PRO A 246 15.11 21.20 -8.55
CA PRO A 246 16.20 20.41 -9.15
C PRO A 246 17.55 21.13 -9.14
N ASP A 247 17.50 22.43 -9.41
CA ASP A 247 18.70 23.26 -9.44
C ASP A 247 19.50 23.17 -8.15
N ARG A 248 18.81 23.21 -7.02
CA ARG A 248 19.47 23.14 -5.72
C ARG A 248 19.32 21.77 -5.08
N GLU A 249 18.65 20.86 -5.79
CA GLU A 249 18.39 19.51 -5.27
C GLU A 249 17.79 19.66 -3.89
N ASN A 250 16.82 20.57 -3.80
CA ASN A 250 16.15 20.87 -2.55
C ASN A 250 14.68 20.45 -2.52
N PHE A 251 14.31 19.73 -1.47
CA PHE A 251 12.93 19.32 -1.29
C PHE A 251 12.43 20.06 -0.06
N LEU A 252 11.42 20.88 -0.24
CA LEU A 252 10.87 21.66 0.87
C LEU A 252 9.47 21.19 1.22
N PRO A 253 9.31 20.55 2.39
CA PRO A 253 7.99 20.06 2.79
C PRO A 253 7.00 21.22 2.96
N GLN A 254 5.81 21.04 2.42
CA GLN A 254 4.77 22.06 2.47
C GLN A 254 4.41 22.49 3.90
N ASN A 255 4.42 21.54 4.84
CA ASN A 255 4.08 21.88 6.22
C ASN A 255 5.33 22.18 7.05
N GLY A 256 6.46 22.34 6.36
CA GLY A 256 7.72 22.64 7.04
C GLY A 256 8.23 21.63 8.04
N LEU A 257 7.60 20.46 8.12
CA LEU A 257 8.05 19.47 9.09
C LEU A 257 9.00 18.42 8.52
N SER A 258 9.81 17.85 9.41
CA SER A 258 10.71 16.77 9.04
C SER A 258 9.91 15.58 9.53
N LEU A 259 9.95 14.47 8.80
CA LEU A 259 9.19 13.30 9.23
C LEU A 259 9.63 12.87 10.62
N THR A 260 8.67 12.42 11.43
CA THR A 260 8.96 11.97 12.79
C THR A 260 8.32 10.63 13.07
N GLY A 261 7.47 10.16 12.16
CA GLY A 261 6.81 8.88 12.37
C GLY A 261 5.79 9.01 13.48
N SER A 262 5.20 10.19 13.61
CA SER A 262 4.19 10.45 14.64
C SER A 262 2.84 10.75 14.01
N THR A 263 1.83 10.95 14.87
CA THR A 263 0.49 11.27 14.41
C THR A 263 0.48 12.59 13.66
N LEU A 264 1.65 13.21 13.59
CA LEU A 264 1.84 14.48 12.89
C LEU A 264 2.01 14.25 11.39
N ASP A 265 2.49 13.05 11.02
CA ASP A 265 2.75 12.74 9.62
C ASP A 265 1.67 11.89 8.94
N LEU A 266 1.67 11.94 7.62
CA LEU A 266 0.71 11.19 6.81
C LEU A 266 1.25 9.83 6.39
N ARG A 267 0.33 8.91 6.12
CA ARG A 267 0.67 7.59 5.66
C ARG A 267 -0.26 7.33 4.48
N TYR A 268 0.10 6.37 3.63
CA TYR A 268 -0.76 6.03 2.52
C TYR A 268 -1.92 5.24 3.13
N ASP A 269 -1.54 4.28 3.96
CA ASP A 269 -2.48 3.36 4.59
C ASP A 269 -2.12 3.21 6.07
N TYR A 270 -3.13 3.16 6.92
CA TYR A 270 -2.90 3.08 8.36
C TYR A 270 -3.02 1.67 8.96
N GLY A 271 -2.97 0.66 8.10
CA GLY A 271 -3.04 -0.72 8.55
C GLY A 271 -1.76 -1.44 8.16
N GLN A 272 -1.89 -2.69 7.70
CA GLN A 272 -0.75 -3.50 7.26
C GLN A 272 -0.46 -3.09 5.82
N PHE A 273 0.60 -2.30 5.65
CA PHE A 273 0.93 -1.78 4.32
C PHE A 273 2.39 -1.34 4.41
N TYR A 274 3.28 -1.93 3.62
CA TYR A 274 4.69 -1.55 3.70
C TYR A 274 5.47 -1.71 2.38
N ALA A 275 6.58 -0.99 2.29
CA ALA A 275 7.43 -1.04 1.11
C ALA A 275 6.69 -0.67 -0.17
N SER A 276 5.69 0.21 -0.03
CA SER A 276 4.91 0.62 -1.18
C SER A 276 5.80 1.30 -2.22
N LYS A 277 5.45 1.11 -3.48
CA LYS A 277 6.18 1.69 -4.60
C LYS A 277 5.21 2.00 -5.74
N SER A 278 5.40 3.14 -6.38
CA SER A 278 4.51 3.55 -7.47
C SER A 278 5.24 3.64 -8.81
N PHE A 279 4.47 3.68 -9.89
CA PHE A 279 5.02 3.80 -11.23
C PHE A 279 3.99 4.57 -12.05
N PHE A 280 4.45 5.20 -13.12
CA PHE A 280 3.53 5.95 -13.97
C PHE A 280 3.03 5.12 -15.13
N ASP A 281 1.73 5.16 -15.35
CA ASP A 281 1.06 4.44 -16.43
C ASP A 281 0.69 5.50 -17.47
N ASP A 282 1.49 5.63 -18.52
CA ASP A 282 1.21 6.64 -19.54
C ASP A 282 0.07 6.28 -20.48
N ALA A 283 -0.40 5.04 -20.43
CA ALA A 283 -1.50 4.62 -21.28
C ALA A 283 -2.79 5.20 -20.72
N LYS A 284 -2.89 5.25 -19.38
CA LYS A 284 -4.08 5.79 -18.74
C LYS A 284 -3.80 7.04 -17.92
N ASN A 285 -2.62 7.62 -18.10
CA ASN A 285 -2.22 8.84 -17.38
C ASN A 285 -2.56 8.79 -15.90
N ARG A 286 -2.08 7.76 -15.22
CA ARG A 286 -2.33 7.58 -13.80
C ARG A 286 -1.07 7.03 -13.13
N ARG A 287 -0.91 7.32 -11.85
CA ARG A 287 0.22 6.79 -11.10
C ARG A 287 -0.39 5.64 -10.29
N VAL A 288 0.21 4.47 -10.42
CA VAL A 288 -0.28 3.29 -9.73
C VAL A 288 0.61 2.92 -8.56
N LEU A 289 -0.01 2.55 -7.44
CA LEU A 289 0.71 2.19 -6.23
C LEU A 289 0.55 0.73 -5.81
N TRP A 290 1.68 0.08 -5.56
CA TRP A 290 1.73 -1.31 -5.11
C TRP A 290 2.30 -1.31 -3.69
N ALA A 291 1.87 -2.25 -2.86
CA ALA A 291 2.40 -2.36 -1.51
C ALA A 291 2.32 -3.79 -0.99
N TRP A 292 3.32 -4.17 -0.22
CA TRP A 292 3.38 -5.49 0.37
C TRP A 292 2.50 -5.47 1.61
N VAL A 293 1.69 -6.51 1.77
CA VAL A 293 0.83 -6.62 2.94
C VAL A 293 1.29 -7.88 3.68
N PRO A 294 2.04 -7.70 4.77
CA PRO A 294 2.57 -8.79 5.59
C PRO A 294 1.49 -9.70 6.19
N GLU A 295 1.91 -10.86 6.65
CA GLU A 295 1.02 -11.80 7.30
C GLU A 295 0.92 -11.36 8.75
N THR A 296 -0.21 -11.64 9.39
CA THR A 296 -0.36 -11.30 10.80
C THR A 296 -0.62 -12.56 11.60
N ASP A 297 -0.46 -13.71 10.94
CA ASP A 297 -0.62 -14.99 11.63
C ASP A 297 0.81 -15.36 12.03
N SER A 298 1.02 -16.51 12.65
CA SER A 298 2.38 -16.87 13.09
C SER A 298 3.24 -17.46 11.99
N GLN A 299 4.56 -17.46 12.22
CA GLN A 299 5.49 -18.03 11.25
C GLN A 299 5.18 -19.50 11.04
N ALA A 300 4.84 -20.20 12.12
CA ALA A 300 4.50 -21.60 12.04
C ALA A 300 3.29 -21.76 11.13
N ASP A 301 2.35 -20.82 11.24
CA ASP A 301 1.15 -20.86 10.40
C ASP A 301 1.54 -20.72 8.93
N ASP A 302 2.46 -19.81 8.63
CA ASP A 302 2.91 -19.59 7.26
C ASP A 302 3.57 -20.84 6.68
N ILE A 303 4.47 -21.43 7.46
CA ILE A 303 5.16 -22.64 7.04
C ILE A 303 4.15 -23.76 6.83
N GLU A 304 3.16 -23.83 7.71
CA GLU A 304 2.14 -24.86 7.60
C GLU A 304 1.28 -24.67 6.36
N LYS A 305 0.81 -23.44 6.10
CA LYS A 305 -0.02 -23.22 4.93
C LYS A 305 0.79 -23.11 3.64
N GLY A 306 2.12 -23.00 3.79
CA GLY A 306 3.00 -22.95 2.62
C GLY A 306 3.26 -21.64 1.91
N TRP A 307 2.75 -20.54 2.43
CA TRP A 307 2.99 -19.25 1.79
C TRP A 307 2.84 -18.09 2.75
N ALA A 308 3.38 -16.94 2.35
CA ALA A 308 3.31 -15.76 3.19
C ALA A 308 3.51 -14.50 2.36
N GLY A 309 2.65 -13.52 2.59
CA GLY A 309 2.75 -12.26 1.90
C GLY A 309 1.74 -12.06 0.78
N LEU A 310 1.21 -10.85 0.69
CA LEU A 310 0.26 -10.47 -0.35
C LEU A 310 0.66 -9.09 -0.83
N GLN A 311 0.09 -8.69 -1.96
CA GLN A 311 0.31 -7.35 -2.48
C GLN A 311 -1.07 -6.73 -2.35
N SER A 312 -1.14 -5.45 -2.02
CA SER A 312 -2.42 -4.77 -1.95
C SER A 312 -2.91 -4.68 -3.39
N PHE A 313 -4.19 -4.42 -3.59
CA PHE A 313 -4.67 -4.30 -4.96
C PHE A 313 -4.17 -2.97 -5.50
N PRO A 314 -3.65 -2.95 -6.74
CA PRO A 314 -3.13 -1.73 -7.35
C PRO A 314 -4.09 -0.54 -7.21
N ARG A 315 -3.62 0.56 -6.65
CA ARG A 315 -4.50 1.71 -6.56
C ARG A 315 -3.98 2.95 -7.27
N ALA A 316 -4.91 3.69 -7.87
CA ALA A 316 -4.58 4.91 -8.57
C ALA A 316 -4.27 5.91 -7.45
N LEU A 317 -3.35 6.82 -7.71
CA LEU A 317 -2.92 7.77 -6.71
C LEU A 317 -2.88 9.20 -7.23
N TRP A 318 -3.42 10.14 -6.47
CA TRP A 318 -3.41 11.53 -6.87
C TRP A 318 -3.52 12.47 -5.66
N ILE A 319 -3.29 13.75 -5.87
CA ILE A 319 -3.38 14.70 -4.76
C ILE A 319 -4.77 15.30 -4.63
N ASP A 320 -5.22 15.45 -3.40
CA ASP A 320 -6.55 15.99 -3.12
C ASP A 320 -6.64 17.45 -3.58
N ARG A 321 -7.86 17.89 -3.90
CA ARG A 321 -8.10 19.26 -4.34
C ARG A 321 -7.58 20.28 -3.33
N ASN A 322 -7.57 19.92 -2.05
CA ASN A 322 -7.10 20.82 -1.01
C ASN A 322 -5.58 20.87 -0.97
N GLY A 323 -4.95 19.97 -1.74
CA GLY A 323 -3.50 19.92 -1.81
C GLY A 323 -2.72 19.53 -0.57
N LYS A 324 -3.40 19.05 0.46
CA LYS A 324 -2.72 18.68 1.71
C LYS A 324 -2.51 17.19 1.94
N GLN A 325 -3.09 16.35 1.09
CA GLN A 325 -2.93 14.92 1.21
C GLN A 325 -3.17 14.20 -0.11
N LEU A 326 -2.81 12.92 -0.13
CA LEU A 326 -2.98 12.08 -1.29
C LEU A 326 -4.28 11.28 -1.20
N ILE A 327 -4.80 10.87 -2.35
CA ILE A 327 -6.01 10.09 -2.44
C ILE A 327 -5.68 8.79 -3.17
N GLN A 328 -6.26 7.68 -2.74
CA GLN A 328 -6.03 6.39 -3.39
C GLN A 328 -7.36 5.71 -3.72
N TRP A 329 -7.37 4.93 -4.79
CA TRP A 329 -8.59 4.24 -5.20
C TRP A 329 -8.18 3.05 -6.06
N PRO A 330 -8.85 1.90 -5.88
CA PRO A 330 -8.52 0.71 -6.68
C PRO A 330 -8.62 1.05 -8.17
N VAL A 331 -7.66 0.59 -8.97
CA VAL A 331 -7.70 0.87 -10.40
C VAL A 331 -9.01 0.35 -10.97
N GLU A 332 -9.58 1.12 -11.89
CA GLU A 332 -10.87 0.80 -12.48
C GLU A 332 -11.02 -0.60 -13.06
N GLU A 333 -9.92 -1.21 -13.51
CA GLU A 333 -10.00 -2.56 -14.08
C GLU A 333 -10.60 -3.59 -13.12
N ILE A 334 -10.58 -3.30 -11.82
CA ILE A 334 -11.13 -4.25 -10.84
C ILE A 334 -12.64 -4.38 -11.00
N GLU A 335 -13.27 -3.33 -11.51
CA GLU A 335 -14.71 -3.32 -11.70
C GLU A 335 -15.18 -4.43 -12.63
N GLU A 336 -14.26 -4.96 -13.43
CA GLU A 336 -14.57 -6.02 -14.37
C GLU A 336 -14.81 -7.35 -13.68
N LEU A 337 -14.43 -7.45 -12.41
CA LEU A 337 -14.61 -8.68 -11.65
C LEU A 337 -16.00 -8.75 -11.01
N ARG A 338 -16.70 -7.63 -10.99
CA ARG A 338 -18.03 -7.54 -10.40
C ARG A 338 -19.06 -8.45 -11.08
N GLN A 339 -19.72 -9.29 -10.30
CA GLN A 339 -20.73 -10.19 -10.81
C GLN A 339 -22.13 -9.66 -10.47
N ASN A 340 -22.86 -10.36 -9.60
CA ASN A 340 -24.19 -9.91 -9.23
C ASN A 340 -24.11 -8.80 -8.18
N GLN A 341 -25.12 -7.95 -8.15
CA GLN A 341 -25.14 -6.83 -7.23
C GLN A 341 -26.35 -6.84 -6.30
N VAL A 342 -26.12 -6.44 -5.06
CA VAL A 342 -27.18 -6.33 -4.06
C VAL A 342 -27.08 -4.88 -3.60
N ASN A 343 -28.20 -4.18 -3.62
CA ASN A 343 -28.21 -2.76 -3.28
C ASN A 343 -29.26 -2.40 -2.23
N LEU A 344 -28.95 -1.38 -1.42
CA LEU A 344 -29.87 -0.89 -0.39
C LEU A 344 -29.91 0.62 -0.46
N GLN A 345 -31.08 1.21 -0.20
CA GLN A 345 -31.20 2.66 -0.22
C GLN A 345 -32.21 3.16 0.80
N ASN A 346 -31.95 4.34 1.33
CA ASN A 346 -32.83 4.97 2.31
C ASN A 346 -33.24 4.01 3.42
N LYS A 347 -32.24 3.36 4.03
CA LYS A 347 -32.49 2.40 5.10
C LYS A 347 -31.96 2.88 6.45
N ASN A 348 -32.85 2.97 7.43
CA ASN A 348 -32.47 3.40 8.77
C ASN A 348 -31.87 2.29 9.60
N LEU A 349 -30.85 2.63 10.37
CA LEU A 349 -30.20 1.67 11.25
C LEU A 349 -30.44 2.14 12.69
N LYS A 350 -31.35 1.48 13.38
CA LYS A 350 -31.66 1.85 14.75
C LYS A 350 -30.48 1.53 15.66
N PRO A 351 -30.38 2.20 16.81
CA PRO A 351 -29.29 1.97 17.76
C PRO A 351 -29.15 0.50 18.14
N GLY A 352 -27.93 -0.02 18.10
CA GLY A 352 -27.69 -1.40 18.47
C GLY A 352 -28.22 -2.42 17.49
N SER A 353 -28.43 -2.01 16.24
CA SER A 353 -28.95 -2.93 15.23
C SER A 353 -27.88 -3.52 14.32
N VAL A 354 -28.19 -4.68 13.76
CA VAL A 354 -27.30 -5.39 12.84
C VAL A 354 -28.17 -5.84 11.67
N LEU A 355 -27.78 -5.46 10.47
CA LEU A 355 -28.53 -5.81 9.26
C LEU A 355 -27.71 -6.67 8.32
N GLU A 356 -28.15 -7.90 8.09
CA GLU A 356 -27.41 -8.78 7.20
C GLU A 356 -27.67 -8.52 5.72
N ILE A 357 -26.61 -8.58 4.94
CA ILE A 357 -26.71 -8.38 3.50
C ILE A 357 -26.68 -9.77 2.87
N HIS A 358 -27.78 -10.14 2.22
CA HIS A 358 -27.92 -11.45 1.59
C HIS A 358 -27.63 -11.46 0.10
N GLY A 359 -27.26 -12.64 -0.42
CA GLY A 359 -27.00 -12.78 -1.84
C GLY A 359 -25.62 -12.47 -2.38
N ILE A 360 -24.68 -12.14 -1.50
CA ILE A 360 -23.33 -11.80 -1.90
C ILE A 360 -22.33 -12.85 -1.44
N ALA A 361 -21.27 -13.06 -2.22
CA ALA A 361 -20.22 -14.00 -1.84
C ALA A 361 -19.41 -13.20 -0.82
N ALA A 362 -19.82 -13.27 0.44
CA ALA A 362 -19.23 -12.52 1.55
C ALA A 362 -17.71 -12.58 1.74
N SER A 363 -17.04 -13.60 1.22
CA SER A 363 -15.59 -13.71 1.36
C SER A 363 -14.84 -13.04 0.22
N GLN A 364 -15.54 -12.72 -0.85
CA GLN A 364 -14.93 -12.11 -2.03
C GLN A 364 -15.89 -11.10 -2.63
N ALA A 365 -15.85 -9.87 -2.10
CA ALA A 365 -16.77 -8.84 -2.55
C ALA A 365 -16.22 -7.42 -2.55
N ASP A 366 -16.96 -6.54 -3.21
CA ASP A 366 -16.62 -5.12 -3.31
C ASP A 366 -17.87 -4.45 -2.72
N VAL A 367 -17.73 -3.86 -1.54
CA VAL A 367 -18.85 -3.23 -0.86
C VAL A 367 -18.66 -1.74 -0.60
N THR A 368 -19.64 -0.96 -1.02
CA THR A 368 -19.61 0.48 -0.83
C THR A 368 -20.86 0.90 -0.09
N ILE A 369 -20.69 1.77 0.89
CA ILE A 369 -21.82 2.23 1.68
C ILE A 369 -21.64 3.70 2.03
N SER A 370 -22.74 4.42 2.13
CA SER A 370 -22.71 5.83 2.44
C SER A 370 -23.72 6.09 3.56
N PHE A 371 -23.28 6.82 4.58
CA PHE A 371 -24.14 7.12 5.73
C PHE A 371 -24.59 8.57 5.77
N LYS A 372 -25.87 8.78 6.10
CA LYS A 372 -26.45 10.11 6.23
C LYS A 372 -26.69 10.28 7.74
N LEU A 373 -26.01 11.24 8.35
CA LEU A 373 -26.12 11.44 9.79
C LEU A 373 -27.28 12.27 10.34
N GLU A 374 -27.81 11.79 11.46
CA GLU A 374 -28.93 12.42 12.14
C GLU A 374 -28.52 13.02 13.48
N GLY A 375 -28.72 14.33 13.61
CA GLY A 375 -28.39 15.01 14.86
C GLY A 375 -26.92 15.06 15.22
N LEU A 376 -26.14 15.75 14.40
CA LEU A 376 -24.70 15.89 14.64
C LEU A 376 -24.37 16.51 15.98
N LYS A 377 -25.15 17.50 16.40
CA LYS A 377 -24.90 18.18 17.66
C LYS A 377 -24.85 17.22 18.85
N GLU A 378 -25.33 16.00 18.66
CA GLU A 378 -25.32 15.01 19.73
C GLU A 378 -23.98 14.31 19.84
N ALA A 379 -23.06 14.63 18.92
CA ALA A 379 -21.74 14.02 18.91
C ALA A 379 -21.03 14.21 20.25
N GLU A 380 -20.39 13.14 20.72
CA GLU A 380 -19.64 13.16 21.96
C GLU A 380 -18.60 14.26 21.86
N VAL A 381 -18.39 15.00 22.94
CA VAL A 381 -17.39 16.05 22.92
C VAL A 381 -16.03 15.43 23.20
N LEU A 382 -15.12 15.59 22.25
CA LEU A 382 -13.78 15.04 22.40
C LEU A 382 -12.84 15.78 21.48
N ASP A 383 -11.92 16.55 22.07
CA ASP A 383 -10.95 17.28 21.26
C ASP A 383 -9.97 16.20 20.81
N THR A 384 -9.67 16.15 19.52
CA THR A 384 -8.77 15.13 18.99
C THR A 384 -7.47 15.70 18.42
N THR A 385 -7.09 16.87 18.89
CA THR A 385 -5.86 17.52 18.41
C THR A 385 -4.62 16.65 18.53
N LEU A 386 -4.42 16.00 19.67
CA LEU A 386 -3.25 15.16 19.90
C LEU A 386 -3.58 13.68 20.06
N VAL A 387 -4.87 13.35 19.94
CA VAL A 387 -5.28 11.97 20.08
C VAL A 387 -4.72 11.06 19.00
N ASP A 388 -4.30 9.86 19.40
CA ASP A 388 -3.79 8.89 18.46
C ASP A 388 -4.99 8.03 18.05
N PRO A 389 -5.44 8.17 16.79
CA PRO A 389 -6.59 7.39 16.31
C PRO A 389 -6.47 5.89 16.46
N GLN A 390 -5.27 5.33 16.33
CA GLN A 390 -5.16 3.88 16.49
C GLN A 390 -5.40 3.47 17.94
N ALA A 391 -4.84 4.25 18.87
CA ALA A 391 -5.02 3.96 20.29
C ALA A 391 -6.51 4.03 20.60
N LEU A 392 -7.17 5.06 20.08
CA LEU A 392 -8.59 5.24 20.30
C LEU A 392 -9.41 4.07 19.77
N CYS A 393 -9.08 3.58 18.57
CA CYS A 393 -9.81 2.47 17.98
C CYS A 393 -9.60 1.17 18.77
N ASN A 394 -8.40 1.00 19.29
CA ASN A 394 -8.09 -0.20 20.08
C ASN A 394 -8.78 -0.13 21.43
N GLU A 395 -8.92 1.08 21.96
CA GLU A 395 -9.58 1.27 23.25
C GLU A 395 -11.11 1.13 23.10
N ARG A 396 -11.64 1.68 22.02
CA ARG A 396 -13.09 1.63 21.78
C ARG A 396 -13.46 0.87 20.52
N GLY A 397 -13.63 -0.44 20.64
CA GLY A 397 -14.00 -1.26 19.50
C GLY A 397 -15.49 -1.17 19.21
N ALA A 398 -15.99 -2.07 18.37
CA ALA A 398 -17.39 -2.09 18.00
C ALA A 398 -18.32 -2.30 19.19
N SER A 399 -17.79 -2.83 20.29
CA SER A 399 -18.59 -3.08 21.48
C SER A 399 -18.72 -1.85 22.35
N SER A 400 -17.88 -0.84 22.11
CA SER A 400 -17.92 0.39 22.88
C SER A 400 -18.94 1.31 22.22
N ARG A 401 -20.12 1.43 22.82
CA ARG A 401 -21.19 2.25 22.26
C ARG A 401 -21.07 3.75 22.51
N GLY A 402 -21.14 4.53 21.43
CA GLY A 402 -21.06 5.98 21.55
C GLY A 402 -22.37 6.60 21.11
N ALA A 403 -22.35 7.90 20.83
CA ALA A 403 -23.55 8.60 20.37
C ALA A 403 -23.62 8.35 18.87
N LEU A 404 -22.67 8.97 18.16
CA LEU A 404 -22.57 8.78 16.72
C LEU A 404 -21.41 7.80 16.52
N GLY A 405 -21.75 6.53 16.38
CA GLY A 405 -20.76 5.49 16.21
C GLY A 405 -20.81 4.54 17.39
N PRO A 406 -20.31 3.31 17.24
CA PRO A 406 -19.73 2.87 15.97
C PRO A 406 -20.76 2.38 14.96
N PHE A 407 -20.59 2.79 13.70
CA PHE A 407 -21.48 2.34 12.64
C PHE A 407 -20.65 2.08 11.40
N GLY A 408 -20.93 0.95 10.75
CA GLY A 408 -20.21 0.57 9.55
C GLY A 408 -20.51 -0.84 9.13
N LEU A 409 -19.46 -1.59 8.77
CA LEU A 409 -19.62 -2.97 8.32
C LEU A 409 -18.99 -4.03 9.19
N LEU A 410 -19.58 -5.22 9.12
CA LEU A 410 -19.07 -6.39 9.80
C LEU A 410 -18.71 -7.29 8.62
N ALA A 411 -17.40 -7.46 8.38
CA ALA A 411 -16.93 -8.28 7.27
C ALA A 411 -16.29 -9.56 7.77
N MET A 412 -16.20 -10.57 6.90
CA MET A 412 -15.61 -11.86 7.27
C MET A 412 -16.14 -12.27 8.64
N ALA A 413 -17.45 -12.14 8.81
CA ALA A 413 -18.10 -12.49 10.06
C ALA A 413 -18.79 -13.84 9.94
N SER A 414 -18.85 -14.57 11.05
CA SER A 414 -19.51 -15.87 11.05
C SER A 414 -21.00 -15.64 11.28
N LYS A 415 -21.79 -16.66 10.98
CA LYS A 415 -23.24 -16.60 11.14
C LYS A 415 -23.65 -16.07 12.52
N ASP A 416 -23.04 -16.61 13.57
CA ASP A 416 -23.36 -16.22 14.94
C ASP A 416 -22.60 -14.98 15.44
N LEU A 417 -21.77 -14.40 14.59
CA LEU A 417 -20.98 -13.22 14.94
C LEU A 417 -19.94 -13.47 16.04
N LYS A 418 -19.57 -14.73 16.27
CA LYS A 418 -18.55 -15.02 17.28
C LYS A 418 -17.21 -14.51 16.75
N GLU A 419 -17.12 -14.36 15.43
CA GLU A 419 -15.94 -13.83 14.77
C GLU A 419 -16.43 -12.76 13.79
N GLN A 420 -15.76 -11.61 13.78
CA GLN A 420 -16.15 -10.50 12.90
C GLN A 420 -15.05 -9.47 12.81
N SER A 421 -15.04 -8.75 11.70
CA SER A 421 -14.08 -7.67 11.49
C SER A 421 -14.96 -6.45 11.28
N ALA A 422 -14.88 -5.52 12.21
CA ALA A 422 -15.70 -4.31 12.15
C ALA A 422 -14.96 -3.09 11.61
N ILE A 423 -15.44 -2.56 10.49
CA ILE A 423 -14.89 -1.36 9.88
C ILE A 423 -15.96 -0.31 10.13
N PHE A 424 -15.64 0.70 10.95
CA PHE A 424 -16.65 1.69 11.29
C PHE A 424 -16.15 3.11 11.50
N PHE A 425 -17.10 4.01 11.76
CA PHE A 425 -16.82 5.40 12.00
C PHE A 425 -17.39 5.85 13.34
N ARG A 426 -16.89 6.98 13.83
CA ARG A 426 -17.37 7.61 15.06
C ARG A 426 -17.26 9.09 14.72
N VAL A 427 -18.15 9.90 15.28
CA VAL A 427 -18.11 11.33 15.02
C VAL A 427 -18.01 12.04 16.36
N PHE A 428 -17.04 12.94 16.46
CA PHE A 428 -16.82 13.70 17.69
C PHE A 428 -16.87 15.18 17.35
N GLN A 429 -16.82 16.01 18.39
CA GLN A 429 -16.81 17.46 18.23
C GLN A 429 -15.96 18.03 19.36
N ASN A 430 -15.20 19.07 19.07
CA ASN A 430 -14.38 19.69 20.11
C ASN A 430 -15.29 20.66 20.87
N GLN A 431 -14.71 21.41 21.79
CA GLN A 431 -15.49 22.35 22.58
C GLN A 431 -16.16 23.44 21.75
N LEU A 432 -15.51 23.85 20.66
CA LEU A 432 -16.05 24.90 19.80
C LEU A 432 -17.05 24.42 18.76
N GLY A 433 -17.50 23.18 18.88
CA GLY A 433 -18.46 22.67 17.93
C GLY A 433 -17.93 22.16 16.60
N ARG A 434 -16.60 22.06 16.46
CA ARG A 434 -16.03 21.55 15.22
C ARG A 434 -16.02 20.03 15.27
N TYR A 435 -16.42 19.39 14.18
CA TYR A 435 -16.48 17.94 14.13
C TYR A 435 -15.24 17.29 13.55
N SER A 436 -15.01 16.04 13.96
CA SER A 436 -13.90 15.26 13.46
C SER A 436 -14.48 13.86 13.24
N VAL A 437 -13.91 13.12 12.30
CA VAL A 437 -14.39 11.79 11.98
C VAL A 437 -13.30 10.74 12.15
N LEU A 438 -13.62 9.68 12.88
CA LEU A 438 -12.68 8.60 13.13
C LEU A 438 -13.08 7.36 12.35
N MET A 439 -12.11 6.72 11.71
CA MET A 439 -12.36 5.50 10.95
C MET A 439 -11.57 4.38 11.62
N CYS A 440 -12.24 3.28 11.94
CA CYS A 440 -11.59 2.17 12.60
C CYS A 440 -11.73 0.83 11.92
N SER A 441 -10.72 -0.01 12.11
CA SER A 441 -10.73 -1.38 11.63
C SER A 441 -10.50 -2.17 12.92
N ASP A 442 -11.60 -2.55 13.57
CA ASP A 442 -11.57 -3.29 14.82
C ASP A 442 -11.40 -4.76 14.48
N LEU A 443 -10.20 -5.28 14.72
CA LEU A 443 -9.88 -6.68 14.45
C LEU A 443 -9.81 -7.51 15.73
N SER A 444 -10.16 -6.89 16.86
CA SER A 444 -10.11 -7.55 18.17
C SER A 444 -10.84 -8.89 18.21
N ARG A 445 -11.92 -9.01 17.46
CA ARG A 445 -12.69 -10.24 17.44
C ARG A 445 -12.71 -10.88 16.05
N SER A 446 -11.71 -10.56 15.24
CA SER A 446 -11.64 -11.09 13.89
C SER A 446 -11.42 -12.60 13.86
N THR A 447 -10.93 -13.14 14.97
CA THR A 447 -10.67 -14.58 15.05
C THR A 447 -10.61 -15.08 16.49
N VAL A 448 -10.95 -16.34 16.69
CA VAL A 448 -10.89 -16.94 18.01
C VAL A 448 -9.59 -17.73 18.11
N ARG A 449 -8.82 -17.71 17.01
CA ARG A 449 -7.54 -18.42 16.96
C ARG A 449 -6.47 -17.74 17.82
N SER A 450 -5.50 -18.51 18.26
CA SER A 450 -4.41 -17.99 19.08
C SER A 450 -3.20 -17.65 18.22
N ASN A 451 -2.32 -16.81 18.75
CA ASN A 451 -1.10 -16.43 18.04
C ASN A 451 -1.36 -15.67 16.74
N ILE A 452 -2.42 -14.87 16.74
CA ILE A 452 -2.76 -14.05 15.59
C ILE A 452 -2.75 -12.60 16.05
N ASP A 453 -1.99 -11.76 15.37
CA ASP A 453 -1.92 -10.35 15.73
C ASP A 453 -3.25 -9.71 15.36
N THR A 454 -4.09 -9.48 16.36
CA THR A 454 -5.41 -8.89 16.11
C THR A 454 -5.47 -7.41 16.48
N THR A 455 -4.31 -6.75 16.44
CA THR A 455 -4.25 -5.33 16.73
C THR A 455 -5.18 -4.58 15.78
N SER A 456 -5.89 -3.58 16.29
CA SER A 456 -6.80 -2.79 15.48
C SER A 456 -6.09 -1.56 14.90
N TYR A 457 -6.68 -0.97 13.87
CA TYR A 457 -6.10 0.20 13.21
C TYR A 457 -7.15 1.30 13.09
N GLY A 458 -6.71 2.54 13.04
CA GLY A 458 -7.62 3.65 12.92
C GLY A 458 -6.92 4.91 12.42
N ALA A 459 -7.72 5.87 11.97
CA ALA A 459 -7.18 7.12 11.47
C ALA A 459 -8.32 8.12 11.38
N PHE A 460 -7.99 9.40 11.39
CA PHE A 460 -9.01 10.43 11.28
C PHE A 460 -9.26 10.70 9.80
N VAL A 461 -10.53 10.94 9.45
CA VAL A 461 -10.92 11.20 8.08
C VAL A 461 -11.15 12.70 7.94
N ASP A 462 -10.49 13.32 6.97
CA ASP A 462 -10.64 14.75 6.78
C ASP A 462 -11.85 15.17 5.95
N ILE A 463 -13.02 15.10 6.56
CA ILE A 463 -14.25 15.52 5.89
C ILE A 463 -15.11 16.31 6.87
N ASP A 464 -16.05 17.09 6.35
CA ASP A 464 -16.95 17.88 7.17
C ASP A 464 -18.30 17.16 7.16
N PRO A 465 -18.63 16.46 8.26
CA PRO A 465 -19.88 15.70 8.41
C PRO A 465 -21.14 16.53 8.17
N ARG A 466 -21.02 17.85 8.28
CA ARG A 466 -22.16 18.73 8.08
C ARG A 466 -22.63 18.79 6.63
N SER A 467 -21.70 18.68 5.69
CA SER A 467 -22.06 18.76 4.29
C SER A 467 -21.66 17.56 3.44
N GLU A 468 -21.05 16.56 4.05
CA GLU A 468 -20.62 15.37 3.33
C GLU A 468 -21.05 14.11 4.05
N GLU A 469 -21.67 13.19 3.32
CA GLU A 469 -22.08 11.93 3.92
C GLU A 469 -20.78 11.14 4.07
N ILE A 470 -20.71 10.29 5.08
CA ILE A 470 -19.51 9.50 5.30
C ILE A 470 -19.60 8.23 4.46
N SER A 471 -18.68 8.09 3.49
CA SER A 471 -18.70 6.91 2.64
C SER A 471 -17.55 5.95 2.93
N LEU A 472 -17.80 4.68 2.67
CA LEU A 472 -16.82 3.63 2.91
C LEU A 472 -16.87 2.52 1.88
N ARG A 473 -15.73 2.21 1.28
CA ARG A 473 -15.65 1.13 0.31
C ARG A 473 -14.75 0.04 0.88
N ASN A 474 -15.16 -1.21 0.73
CA ASN A 474 -14.38 -2.32 1.24
C ASN A 474 -14.12 -3.41 0.22
N LEU A 475 -12.85 -3.74 0.05
CA LEU A 475 -12.43 -4.81 -0.83
C LEU A 475 -12.25 -5.99 0.11
N ILE A 476 -13.17 -6.95 0.06
CA ILE A 476 -13.10 -8.12 0.91
C ILE A 476 -12.59 -9.29 0.09
N ASP A 477 -11.49 -9.89 0.54
CA ASP A 477 -10.90 -11.01 -0.18
C ASP A 477 -10.22 -12.00 0.77
N HIS A 478 -11.04 -12.81 1.42
CA HIS A 478 -10.58 -13.83 2.35
C HIS A 478 -9.74 -13.35 3.55
N SER A 479 -8.42 -13.45 3.47
CA SER A 479 -7.59 -13.04 4.59
C SER A 479 -7.15 -11.57 4.55
N ILE A 480 -7.69 -10.81 3.60
CA ILE A 480 -7.37 -9.39 3.50
C ILE A 480 -8.61 -8.55 3.25
N ILE A 481 -8.66 -7.38 3.87
CA ILE A 481 -9.75 -6.44 3.70
C ILE A 481 -9.11 -5.06 3.49
N GLU A 482 -9.47 -4.38 2.40
CA GLU A 482 -8.94 -3.05 2.16
C GLU A 482 -10.09 -2.05 2.28
N SER A 483 -9.94 -1.13 3.22
CA SER A 483 -10.96 -0.13 3.49
C SER A 483 -10.58 1.28 3.04
N PHE A 484 -11.47 1.89 2.27
CA PHE A 484 -11.27 3.24 1.76
C PHE A 484 -12.38 4.16 2.27
N GLY A 485 -12.02 5.08 3.16
CA GLY A 485 -12.99 6.00 3.69
C GLY A 485 -13.00 7.29 2.89
N ALA A 486 -14.18 7.88 2.74
CA ALA A 486 -14.32 9.14 2.02
C ALA A 486 -13.63 9.17 0.65
N GLY A 487 -13.94 8.20 -0.19
CA GLY A 487 -13.35 8.17 -1.53
C GLY A 487 -11.85 7.95 -1.61
N GLY A 488 -11.24 7.43 -0.55
CA GLY A 488 -9.82 7.20 -0.59
C GLY A 488 -8.98 8.20 0.18
N LYS A 489 -9.63 9.03 1.01
CA LYS A 489 -8.89 10.00 1.80
C LYS A 489 -8.20 9.28 2.96
N THR A 490 -8.81 8.20 3.42
CA THR A 490 -8.27 7.42 4.53
C THR A 490 -8.34 5.93 4.20
N CYS A 491 -7.16 5.30 4.08
CA CYS A 491 -7.12 3.88 3.76
C CYS A 491 -6.53 3.04 4.89
N ILE A 492 -7.10 1.85 5.07
CA ILE A 492 -6.64 0.94 6.11
C ILE A 492 -6.74 -0.49 5.60
N THR A 493 -5.61 -1.17 5.51
CA THR A 493 -5.58 -2.56 5.04
C THR A 493 -5.49 -3.49 6.24
N SER A 494 -6.37 -4.48 6.30
CA SER A 494 -6.40 -5.44 7.40
C SER A 494 -6.18 -6.87 6.93
N ARG A 495 -5.50 -7.66 7.76
CA ARG A 495 -5.29 -9.08 7.49
C ARG A 495 -6.02 -9.78 8.64
N ILE A 496 -6.92 -10.70 8.31
CA ILE A 496 -7.66 -11.42 9.33
C ILE A 496 -7.68 -12.92 9.03
N TYR A 497 -7.72 -13.73 10.08
CA TYR A 497 -7.72 -15.17 9.93
C TYR A 497 -8.78 -15.84 10.80
N PRO A 498 -10.06 -15.56 10.53
CA PRO A 498 -11.10 -16.21 11.35
C PRO A 498 -11.00 -17.72 11.21
N LYS A 499 -11.44 -18.45 12.23
CA LYS A 499 -11.40 -19.90 12.20
C LYS A 499 -12.54 -20.53 11.41
N PHE A 500 -13.73 -19.93 11.51
CA PHE A 500 -14.90 -20.47 10.83
C PHE A 500 -14.76 -20.74 9.34
N VAL A 501 -13.91 -19.98 8.65
CA VAL A 501 -13.75 -20.15 7.21
C VAL A 501 -13.28 -21.53 6.77
N ASN A 502 -12.84 -22.35 7.72
CA ASN A 502 -12.39 -23.69 7.36
C ASN A 502 -13.53 -24.61 6.95
N ASN A 503 -14.72 -24.37 7.45
CA ASN A 503 -15.84 -25.22 7.10
C ASN A 503 -17.20 -24.56 6.90
N GLU A 504 -17.26 -23.24 6.97
CA GLU A 504 -18.53 -22.57 6.76
C GLU A 504 -18.37 -21.23 6.06
N GLU A 505 -19.44 -20.77 5.41
CA GLU A 505 -19.42 -19.52 4.68
C GLU A 505 -19.40 -18.28 5.54
N ALA A 506 -18.79 -17.23 5.00
CA ALA A 506 -18.68 -15.95 5.69
C ALA A 506 -19.97 -15.17 5.47
N HIS A 507 -20.19 -14.17 6.31
CA HIS A 507 -21.38 -13.35 6.20
C HIS A 507 -20.98 -11.89 6.16
N LEU A 508 -21.92 -11.04 5.75
CA LEU A 508 -21.69 -9.61 5.64
C LEU A 508 -22.84 -8.87 6.29
N PHE A 509 -22.51 -7.91 7.15
CA PHE A 509 -23.52 -7.13 7.86
C PHE A 509 -23.23 -5.64 7.87
N VAL A 510 -24.27 -4.85 8.11
CA VAL A 510 -24.17 -3.41 8.24
C VAL A 510 -24.63 -3.23 9.68
N PHE A 511 -23.94 -2.41 10.46
CA PHE A 511 -24.37 -2.25 11.85
C PHE A 511 -24.25 -0.83 12.38
N ASN A 512 -24.94 -0.59 13.49
CA ASN A 512 -24.91 0.69 14.18
C ASN A 512 -25.04 0.42 15.66
N ASN A 513 -23.92 0.50 16.38
CA ASN A 513 -23.94 0.26 17.82
C ASN A 513 -23.93 1.55 18.62
N GLY A 514 -24.20 2.67 17.95
CA GLY A 514 -24.26 3.93 18.65
C GLY A 514 -25.64 4.10 19.26
N THR A 515 -25.85 5.16 20.03
CA THR A 515 -27.16 5.40 20.64
C THR A 515 -27.99 6.31 19.74
N GLN A 516 -27.34 6.89 18.74
CA GLN A 516 -28.01 7.75 17.79
C GLN A 516 -28.33 6.93 16.53
N ASN A 517 -29.40 7.33 15.86
CA ASN A 517 -29.83 6.67 14.64
C ASN A 517 -28.97 7.15 13.49
N VAL A 518 -28.73 6.27 12.52
CA VAL A 518 -27.97 6.61 11.32
C VAL A 518 -28.68 6.00 10.14
N LYS A 519 -28.56 6.63 8.97
CA LYS A 519 -29.23 6.12 7.78
C LYS A 519 -28.29 5.74 6.66
N ILE A 520 -28.59 4.61 6.02
CA ILE A 520 -27.81 4.15 4.88
C ILE A 520 -28.51 4.78 3.69
N SER A 521 -27.90 5.79 3.08
CA SER A 521 -28.54 6.41 1.93
C SER A 521 -28.35 5.51 0.71
N GLU A 522 -27.15 4.95 0.56
CA GLU A 522 -26.86 4.08 -0.57
C GLU A 522 -25.84 3.02 -0.16
N MET A 523 -26.04 1.81 -0.68
CA MET A 523 -25.14 0.70 -0.40
C MET A 523 -25.10 -0.23 -1.60
N SER A 524 -23.91 -0.44 -2.16
CA SER A 524 -23.74 -1.32 -3.30
C SER A 524 -22.74 -2.41 -2.96
N ALA A 525 -23.15 -3.66 -3.17
CA ALA A 525 -22.30 -4.81 -2.90
C ALA A 525 -22.25 -5.69 -4.14
N TRP A 526 -21.04 -6.12 -4.50
CA TRP A 526 -20.84 -6.97 -5.67
C TRP A 526 -20.03 -8.20 -5.32
N SER A 527 -20.46 -9.35 -5.82
CA SER A 527 -19.69 -10.57 -5.62
C SER A 527 -18.56 -10.36 -6.63
N MET A 528 -17.35 -10.75 -6.27
CA MET A 528 -16.20 -10.59 -7.16
C MET A 528 -15.71 -11.95 -7.63
N LYS A 529 -15.59 -12.14 -8.94
CA LYS A 529 -15.10 -13.42 -9.42
C LYS A 529 -13.59 -13.44 -9.27
N ASN A 530 -13.01 -14.62 -9.34
CA ASN A 530 -11.56 -14.77 -9.22
C ASN A 530 -10.81 -14.10 -10.35
N ALA A 531 -9.62 -13.61 -10.04
CA ALA A 531 -8.77 -13.01 -11.06
C ALA A 531 -8.06 -14.26 -11.63
N LYS A 532 -7.56 -14.20 -12.86
CA LYS A 532 -6.89 -15.36 -13.41
C LYS A 532 -5.39 -15.31 -13.18
N PHE A 533 -4.83 -16.43 -12.77
CA PHE A 533 -3.40 -16.55 -12.53
C PHE A 533 -2.89 -17.76 -13.28
N VAL A 534 -2.24 -17.50 -14.41
CA VAL A 534 -1.71 -18.58 -15.23
C VAL A 534 -0.21 -18.73 -15.03
N VAL A 535 0.24 -19.97 -14.87
CA VAL A 535 1.66 -20.22 -14.68
C VAL A 535 2.30 -20.55 -16.02
N ASP A 536 3.41 -19.89 -16.30
CA ASP A 536 4.16 -20.11 -17.54
C ASP A 536 5.64 -20.07 -17.20
N GLN A 537 6.12 -21.12 -16.54
CA GLN A 537 7.50 -21.22 -16.10
C GLN A 537 8.33 -22.37 -16.68
N SER A 538 9.47 -22.65 -16.03
CA SER A 538 10.41 -23.70 -16.44
C SER A 538 10.98 -23.43 -17.82
C1 NAG B . -22.56 -3.72 20.40
C2 NAG B . -21.75 -4.97 19.98
C3 NAG B . -21.99 -6.13 20.96
C4 NAG B . -21.70 -5.66 22.41
C5 NAG B . -22.59 -4.44 22.69
C6 NAG B . -22.40 -3.89 24.08
C7 NAG B . -21.25 -5.47 17.68
C8 NAG B . -21.77 -5.75 16.28
N2 NAG B . -22.15 -5.38 18.65
O3 NAG B . -21.15 -7.22 20.61
O4 NAG B . -22.00 -6.70 23.39
O5 NAG B . -22.27 -3.38 21.76
O6 NAG B . -21.04 -3.71 24.40
O7 NAG B . -20.03 -5.34 17.87
C1 NAG B . -21.42 -7.96 23.27
C2 NAG B . -19.92 -7.95 23.56
C3 NAG B . -19.64 -7.58 25.01
C4 NAG B . -20.41 -8.51 25.97
C5 NAG B . -21.90 -8.60 25.60
C6 NAG B . -22.71 -7.37 25.98
C7 NAG B . -18.07 -9.39 23.03
C8 NAG B . -17.65 -10.62 22.23
N2 NAG B . -19.36 -9.26 23.29
O3 NAG B . -20.03 -6.24 25.26
O4 NAG B . -19.81 -9.82 26.03
O5 NAG B . -22.11 -8.87 24.18
O6 NAG B . -24.03 -7.45 25.47
O7 NAG B . -17.23 -8.59 23.40
C1 MAN B . -19.27 -10.15 27.27
C2 MAN B . -17.76 -9.79 27.34
C3 MAN B . -16.88 -10.83 26.64
C4 MAN B . -17.23 -12.23 27.14
C5 MAN B . -18.71 -12.48 26.86
C6 MAN B . -19.14 -13.87 27.29
O2 MAN B . -17.37 -9.70 28.70
O3 MAN B . -15.51 -10.56 26.90
O4 MAN B . -16.42 -13.19 26.49
O5 MAN B . -19.53 -11.53 27.59
O6 MAN B . -19.67 -14.62 26.21
C1 NAG C . 13.35 -13.30 -27.81
C2 NAG C . 13.70 -14.79 -27.88
C3 NAG C . 12.94 -15.48 -29.02
C4 NAG C . 11.44 -15.18 -28.94
C5 NAG C . 11.22 -13.67 -28.86
C6 NAG C . 9.76 -13.29 -28.69
C7 NAG C . 15.85 -15.72 -27.26
C8 NAG C . 17.36 -15.63 -27.38
N2 NAG C . 15.13 -14.96 -28.09
O3 NAG C . 13.15 -16.89 -28.94
O4 NAG C . 10.76 -15.70 -30.10
O5 NAG C . 11.93 -13.13 -27.72
O6 NAG C . 9.15 -14.05 -27.65
O7 NAG C . 15.35 -16.48 -26.43
C1 NAG C . 9.86 -16.73 -29.91
C2 NAG C . 9.04 -16.94 -31.18
C3 NAG C . 8.14 -18.16 -31.04
C4 NAG C . 8.98 -19.38 -30.67
C5 NAG C . 9.79 -19.09 -29.40
C6 NAG C . 10.73 -20.22 -29.04
C7 NAG C . 8.72 -14.74 -32.12
C8 NAG C . 8.11 -13.39 -31.86
N2 NAG C . 8.22 -15.78 -31.45
O3 NAG C . 7.46 -18.40 -32.26
O4 NAG C . 8.12 -20.50 -30.45
O5 NAG C . 10.62 -17.91 -29.61
O6 NAG C . 11.92 -20.16 -29.82
O7 NAG C . 9.65 -14.86 -32.91
C1 GLC D . 14.62 -5.84 4.98
C2 GLC D . 15.03 -5.42 6.42
C3 GLC D . 16.41 -4.74 6.40
C4 GLC D . 17.40 -5.71 5.81
C5 GLC D . 16.97 -6.12 4.39
C6 GLC D . 17.92 -7.12 3.73
O2 GLC D . 14.03 -4.55 6.96
O3 GLC D . 16.80 -4.36 7.73
O4 GLC D . 18.69 -5.10 5.78
O5 GLC D . 15.66 -6.71 4.40
O6 GLC D . 17.93 -8.32 4.50
C1 FRU D . 11.94 -4.50 3.49
C2 FRU D . 13.41 -4.71 3.08
C3 FRU D . 13.95 -3.74 1.97
C4 FRU D . 14.89 -4.64 1.19
C5 FRU D . 14.05 -5.93 1.24
C6 FRU D . 14.82 -7.24 1.10
O1 FRU D . 11.71 -3.24 4.09
O2 FRU D . 14.38 -4.64 4.16
O3 FRU D . 14.66 -2.62 2.52
O4 FRU D . 15.11 -4.21 -0.16
O5 FRU D . 13.41 -5.99 2.49
O6 FRU D . 13.87 -8.28 0.91
#